data_3DQG
#
_entry.id   3DQG
#
_cell.length_a   90.418
_cell.length_b   120.159
_cell.length_c   56.770
_cell.angle_alpha   90.000
_cell.angle_beta   90.000
_cell.angle_gamma   90.000
#
_symmetry.space_group_name_H-M   'P 21 21 2'
#
loop_
_entity.id
_entity.type
_entity.pdbx_description
1 polymer 'Heat shock 70 kDa protein F'
2 water water
#
_entity_poly.entity_id   1
_entity_poly.type   'polypeptide(L)'
_entity_poly.pdbx_seq_one_letter_code
;SNADVTPLSLGIETLGGIMTKLITRNTTIPTKKSQVFSTAADGQTQVQIKVFQGEREMATSNKLLGQFSLVGIPPAPRGV
PQVEVTFDIDANGIVNVSARDRGTGKEQQIVIQSSGGLSKDQIENMIKEAEKNAAEDAKRKELVEVINQAE
;
_entity_poly.pdbx_strand_id   A,B,C,D
#
# COMPACT_ATOMS: atom_id res chain seq x y z
N ASP A 4 -39.39 12.46 -19.47
N ASP A 4 -39.40 15.16 -18.61
CA ASP A 4 -38.87 13.72 -18.89
CA ASP A 4 -38.97 13.75 -18.40
C ASP A 4 -37.43 13.53 -18.36
C ASP A 4 -37.45 13.54 -18.24
N VAL A 5 -36.67 14.63 -18.22
CA VAL A 5 -35.24 14.53 -17.89
C VAL A 5 -34.84 15.50 -16.76
N THR A 6 -33.70 15.24 -16.13
CA THR A 6 -33.19 16.20 -15.17
C THR A 6 -32.64 17.44 -15.89
N PRO A 7 -33.03 18.65 -15.43
CA PRO A 7 -32.52 19.86 -16.10
C PRO A 7 -31.09 20.24 -15.63
N LEU A 8 -30.68 19.76 -14.45
CA LEU A 8 -29.33 20.01 -13.91
C LEU A 8 -28.74 18.73 -13.25
N SER A 9 -27.42 18.64 -13.22
CA SER A 9 -26.76 17.49 -12.59
C SER A 9 -27.05 17.52 -11.09
N LEU A 10 -27.01 16.33 -10.50
CA LEU A 10 -27.29 16.17 -9.11
C LEU A 10 -26.21 15.27 -8.51
N GLY A 11 -25.68 15.64 -7.36
CA GLY A 11 -24.57 14.84 -6.81
C GLY A 11 -24.26 15.24 -5.38
N ILE A 12 -23.09 14.80 -4.89
CA ILE A 12 -22.68 15.12 -3.51
C ILE A 12 -21.33 15.80 -3.49
N GLU A 13 -21.06 16.52 -2.40
CA GLU A 13 -19.74 17.12 -2.26
C GLU A 13 -18.81 16.07 -1.70
N THR A 14 -17.65 15.91 -2.32
CA THR A 14 -16.65 14.94 -1.79
C THR A 14 -15.41 15.71 -1.38
N LEU A 15 -14.45 15.00 -0.79
CA LEU A 15 -13.27 15.60 -0.19
C LEU A 15 -12.65 16.68 -1.07
N GLY A 16 -12.32 17.84 -0.48
CA GLY A 16 -11.72 18.91 -1.25
C GLY A 16 -12.76 19.85 -1.87
N GLY A 17 -14.05 19.66 -1.56
CA GLY A 17 -15.09 20.56 -2.11
C GLY A 17 -15.49 20.22 -3.53
N ILE A 18 -15.18 18.98 -3.96
CA ILE A 18 -15.45 18.52 -5.33
C ILE A 18 -16.92 18.12 -5.50
N MET A 19 -17.53 18.57 -6.59
CA MET A 19 -18.85 18.06 -6.99
C MET A 19 -18.73 16.71 -7.67
N THR A 20 -19.20 15.67 -7.00
CA THR A 20 -19.26 14.33 -7.57
C THR A 20 -20.67 14.05 -8.07
N LYS A 21 -20.84 14.07 -9.39
CA LYS A 21 -22.18 13.90 -9.98
C LYS A 21 -22.61 12.45 -9.94
N LEU A 22 -23.80 12.20 -9.38
CA LEU A 22 -24.40 10.88 -9.41
C LEU A 22 -25.39 10.75 -10.55
N ILE A 23 -26.17 11.80 -10.81
CA ILE A 23 -27.07 11.78 -11.94
C ILE A 23 -26.74 13.01 -12.82
N THR A 24 -26.28 12.78 -14.04
CA THR A 24 -25.85 13.93 -14.80
C THR A 24 -27.07 14.61 -15.41
N ARG A 25 -26.91 15.88 -15.76
CA ARG A 25 -27.97 16.62 -16.42
C ARG A 25 -28.47 15.86 -17.65
N ASN A 26 -29.76 15.99 -17.96
CA ASN A 26 -30.36 15.32 -19.11
C ASN A 26 -30.55 13.81 -18.98
N THR A 27 -30.49 13.29 -17.76
CA THR A 27 -30.81 11.88 -17.53
C THR A 27 -32.32 11.71 -17.49
N THR A 28 -32.83 10.70 -18.20
CA THR A 28 -34.24 10.35 -18.16
C THR A 28 -34.66 9.94 -16.75
N ILE A 29 -35.82 10.45 -16.34
CA ILE A 29 -36.37 10.13 -15.02
C ILE A 29 -37.76 9.46 -15.20
N PRO A 30 -38.15 8.57 -14.28
CA PRO A 30 -37.48 8.21 -13.04
C PRO A 30 -36.21 7.39 -13.30
N THR A 31 -35.29 7.45 -12.35
CA THR A 31 -34.12 6.61 -12.35
C THR A 31 -33.60 6.43 -10.94
N LYS A 32 -32.66 5.51 -10.81
CA LYS A 32 -32.00 5.27 -9.53
CA LYS A 32 -32.01 5.30 -9.55
C LYS A 32 -30.53 5.07 -9.85
N LYS A 33 -29.68 5.74 -9.10
CA LYS A 33 -28.22 5.63 -9.26
CA LYS A 33 -28.24 5.48 -9.23
C LYS A 33 -27.61 5.53 -7.87
N SER A 34 -26.64 4.62 -7.68
CA SER A 34 -25.90 4.52 -6.43
C SER A 34 -24.39 4.51 -6.69
N GLN A 35 -23.63 4.95 -5.69
CA GLN A 35 -22.16 4.90 -5.77
C GLN A 35 -21.65 4.72 -4.34
N VAL A 36 -20.52 4.01 -4.19
CA VAL A 36 -19.93 3.74 -2.90
C VAL A 36 -18.79 4.72 -2.66
N PHE A 37 -18.81 5.31 -1.47
CA PHE A 37 -17.78 6.22 -1.04
C PHE A 37 -17.19 5.73 0.28
N SER A 38 -16.12 6.39 0.69
CA SER A 38 -15.45 6.05 1.94
C SER A 38 -15.13 7.29 2.78
N THR A 39 -14.45 7.07 3.89
CA THR A 39 -14.07 8.11 4.84
C THR A 39 -12.76 8.76 4.40
N ALA A 40 -12.54 9.99 4.91
CA ALA A 40 -11.29 10.76 4.62
C ALA A 40 -10.20 10.64 5.69
N ALA A 41 -10.60 10.35 6.93
CA ALA A 41 -9.69 10.35 8.06
C ALA A 41 -9.68 9.01 8.78
N ASP A 42 -8.53 8.58 9.30
CA ASP A 42 -8.46 7.38 10.16
C ASP A 42 -9.38 7.57 11.38
N GLY A 43 -10.21 6.57 11.66
CA GLY A 43 -11.07 6.62 12.87
C GLY A 43 -12.29 7.52 12.72
N GLN A 44 -12.58 7.95 11.48
CA GLN A 44 -13.72 8.84 11.20
C GLN A 44 -15.06 8.17 11.52
N THR A 45 -15.90 8.80 12.36
CA THR A 45 -17.12 8.09 12.78
C THR A 45 -18.36 8.76 12.23
N GLN A 46 -18.19 9.93 11.59
CA GLN A 46 -19.31 10.58 11.00
C GLN A 46 -19.03 10.90 9.53
N VAL A 47 -20.01 10.72 8.65
CA VAL A 47 -19.91 11.23 7.25
C VAL A 47 -21.09 12.13 6.92
N GLN A 48 -20.80 13.24 6.25
CA GLN A 48 -21.81 14.23 5.94
CA GLN A 48 -21.84 14.22 5.94
C GLN A 48 -22.15 14.21 4.45
N ILE A 49 -23.42 14.01 4.13
CA ILE A 49 -23.88 13.91 2.76
C ILE A 49 -24.50 15.25 2.41
N LYS A 50 -23.82 15.99 1.52
CA LYS A 50 -24.31 17.27 1.04
C LYS A 50 -24.77 17.16 -0.41
N VAL A 51 -26.07 17.32 -0.65
CA VAL A 51 -26.67 17.14 -1.98
C VAL A 51 -26.78 18.46 -2.73
N PHE A 52 -26.13 18.51 -3.89
CA PHE A 52 -26.03 19.71 -4.68
C PHE A 52 -26.63 19.52 -6.07
N GLN A 53 -27.14 20.61 -6.63
CA GLN A 53 -27.67 20.61 -7.96
C GLN A 53 -26.92 21.68 -8.78
N GLY A 54 -26.39 21.29 -9.94
CA GLY A 54 -25.67 22.21 -10.84
C GLY A 54 -24.45 21.56 -11.48
N GLU A 55 -23.72 22.33 -12.28
CA GLU A 55 -22.67 21.76 -13.15
C GLU A 55 -21.23 22.06 -12.68
N ARG A 56 -21.05 23.01 -11.77
CA ARG A 56 -19.68 23.39 -11.33
C ARG A 56 -18.94 22.22 -10.69
N GLU A 57 -17.65 22.12 -10.96
CA GLU A 57 -16.83 21.12 -10.25
C GLU A 57 -16.64 21.54 -8.77
N MET A 58 -16.69 22.85 -8.49
CA MET A 58 -16.63 23.37 -7.12
CA MET A 58 -16.65 23.38 -7.13
C MET A 58 -18.02 23.21 -6.52
N ALA A 59 -18.17 22.22 -5.63
CA ALA A 59 -19.52 21.86 -5.13
C ALA A 59 -20.32 23.05 -4.59
N THR A 60 -19.67 23.86 -3.76
CA THR A 60 -20.37 24.93 -3.07
C THR A 60 -20.82 26.07 -4.00
N SER A 61 -20.37 26.07 -5.25
CA SER A 61 -20.86 27.02 -6.26
C SER A 61 -22.18 26.53 -6.89
N ASN A 62 -22.59 25.32 -6.53
CA ASN A 62 -23.87 24.73 -6.95
C ASN A 62 -24.94 25.01 -5.89
N LYS A 63 -26.17 24.55 -6.15
CA LYS A 63 -27.28 24.79 -5.22
C LYS A 63 -27.42 23.63 -4.24
N LEU A 64 -27.25 23.91 -2.94
CA LEU A 64 -27.48 22.93 -1.89
C LEU A 64 -29.00 22.59 -1.80
N LEU A 65 -29.32 21.31 -1.95
CA LEU A 65 -30.72 20.84 -1.86
C LEU A 65 -31.03 20.16 -0.52
N GLY A 66 -30.02 19.60 0.12
CA GLY A 66 -30.24 18.96 1.42
C GLY A 66 -28.93 18.48 1.99
N GLN A 67 -28.93 18.17 3.28
CA GLN A 67 -27.73 17.71 3.95
C GLN A 67 -28.13 16.84 5.12
N PHE A 68 -27.45 15.71 5.29
CA PHE A 68 -27.64 14.88 6.48
C PHE A 68 -26.37 14.09 6.72
N SER A 69 -26.28 13.49 7.90
CA SER A 69 -25.13 12.67 8.29
C SER A 69 -25.50 11.19 8.59
N LEU A 70 -24.51 10.30 8.45
CA LEU A 70 -24.45 9.06 9.21
C LEU A 70 -23.47 9.22 10.36
N VAL A 71 -23.85 8.80 11.58
CA VAL A 71 -23.04 8.97 12.77
CA VAL A 71 -22.93 8.94 12.71
C VAL A 71 -22.79 7.57 13.33
N GLY A 72 -21.71 7.41 14.08
CA GLY A 72 -21.38 6.15 14.75
C GLY A 72 -20.86 5.06 13.82
N ILE A 73 -20.26 5.46 12.71
CA ILE A 73 -19.46 4.54 11.90
C ILE A 73 -18.32 3.93 12.76
N PRO A 74 -18.22 2.59 12.80
CA PRO A 74 -17.11 2.01 13.56
C PRO A 74 -15.73 2.56 13.10
N PRO A 75 -14.87 2.92 14.06
CA PRO A 75 -13.57 3.49 13.69
C PRO A 75 -12.71 2.47 12.91
N ALA A 76 -12.17 2.95 11.80
CA ALA A 76 -11.38 2.12 10.89
C ALA A 76 -10.44 3.07 10.13
N PRO A 77 -9.39 2.51 9.49
CA PRO A 77 -8.50 3.37 8.72
C PRO A 77 -9.22 4.08 7.60
N ARG A 78 -8.75 5.27 7.24
CA ARG A 78 -9.42 5.99 6.16
C ARG A 78 -9.51 5.13 4.89
N GLY A 79 -10.65 5.23 4.19
CA GLY A 79 -10.83 4.53 2.91
C GLY A 79 -11.31 3.11 3.10
N VAL A 80 -11.44 2.64 4.36
CA VAL A 80 -11.94 1.28 4.60
C VAL A 80 -13.50 1.16 4.63
N PRO A 81 -14.21 2.05 5.39
CA PRO A 81 -15.69 1.98 5.42
C PRO A 81 -16.29 2.12 4.02
N GLN A 82 -17.43 1.49 3.79
CA GLN A 82 -18.10 1.60 2.49
C GLN A 82 -19.44 2.20 2.73
N VAL A 83 -19.62 3.43 2.26
CA VAL A 83 -20.91 4.16 2.41
C VAL A 83 -21.60 4.25 1.05
N GLU A 84 -22.71 3.54 0.90
CA GLU A 84 -23.47 3.46 -0.35
CA GLU A 84 -23.40 3.54 -0.38
C GLU A 84 -24.42 4.67 -0.40
N VAL A 85 -24.25 5.56 -1.37
CA VAL A 85 -25.14 6.73 -1.49
C VAL A 85 -26.03 6.48 -2.71
N THR A 86 -27.34 6.54 -2.54
CA THR A 86 -28.30 6.28 -3.64
C THR A 86 -29.20 7.47 -3.84
N PHE A 87 -29.37 7.91 -5.11
CA PHE A 87 -30.33 8.91 -5.50
C PHE A 87 -31.40 8.16 -6.25
N ASP A 88 -32.60 8.27 -5.73
CA ASP A 88 -33.72 7.64 -6.35
CA ASP A 88 -33.81 7.65 -6.29
C ASP A 88 -34.68 8.78 -6.73
N ILE A 89 -34.86 9.03 -8.04
CA ILE A 89 -35.63 10.18 -8.51
CA ILE A 89 -35.65 10.17 -8.55
C ILE A 89 -36.91 9.70 -9.25
N ASP A 90 -38.04 10.32 -8.93
CA ASP A 90 -39.31 9.95 -9.52
C ASP A 90 -39.62 10.79 -10.77
N ALA A 91 -40.74 10.51 -11.42
CA ALA A 91 -41.08 11.19 -12.68
C ALA A 91 -41.18 12.72 -12.48
N ASN A 92 -41.38 13.16 -11.23
CA ASN A 92 -41.59 14.59 -10.97
C ASN A 92 -40.39 15.32 -10.34
N GLY A 93 -39.24 14.65 -10.33
CA GLY A 93 -38.00 15.25 -9.87
C GLY A 93 -37.81 15.15 -8.37
N ILE A 94 -38.73 14.47 -7.67
CA ILE A 94 -38.56 14.26 -6.24
CA ILE A 94 -38.58 14.24 -6.24
C ILE A 94 -37.49 13.20 -6.02
N VAL A 95 -36.48 13.54 -5.21
CA VAL A 95 -35.37 12.61 -4.96
C VAL A 95 -35.32 12.08 -3.53
N ASN A 96 -35.33 10.76 -3.38
CA ASN A 96 -35.01 10.10 -2.13
CA ASN A 96 -35.03 10.10 -2.12
C ASN A 96 -33.52 9.87 -2.17
N VAL A 97 -32.82 10.51 -1.25
CA VAL A 97 -31.35 10.34 -1.14
C VAL A 97 -31.05 9.59 0.15
N SER A 98 -30.42 8.42 0.01
CA SER A 98 -30.08 7.63 1.22
C SER A 98 -28.59 7.37 1.27
N ALA A 99 -28.07 7.21 2.48
CA ALA A 99 -26.68 6.76 2.66
C ALA A 99 -26.76 5.61 3.62
N ARG A 100 -26.03 4.54 3.28
CA ARG A 100 -26.09 3.29 4.08
C ARG A 100 -24.67 2.74 4.24
N ASP A 101 -24.28 2.50 5.49
CA ASP A 101 -22.97 1.91 5.79
C ASP A 101 -23.07 0.43 5.45
N ARG A 102 -22.31 -0.01 4.47
CA ARG A 102 -22.33 -1.43 4.10
C ARG A 102 -21.93 -2.35 5.27
N GLY A 103 -21.01 -1.92 6.12
CA GLY A 103 -20.57 -2.77 7.23
C GLY A 103 -21.59 -3.08 8.35
N THR A 104 -22.44 -2.11 8.65
CA THR A 104 -23.35 -2.18 9.79
C THR A 104 -24.80 -2.13 9.34
N GLY A 105 -25.04 -1.71 8.10
CA GLY A 105 -26.39 -1.47 7.61
C GLY A 105 -27.06 -0.19 8.12
N LYS A 106 -26.35 0.55 8.96
CA LYS A 106 -26.85 1.84 9.44
C LYS A 106 -27.15 2.74 8.25
N GLU A 107 -28.32 3.40 8.25
CA GLU A 107 -28.69 4.28 7.12
CA GLU A 107 -28.70 4.26 7.12
C GLU A 107 -29.56 5.46 7.53
N GLN A 108 -29.60 6.50 6.69
CA GLN A 108 -30.53 7.64 6.90
C GLN A 108 -30.93 8.05 5.51
N GLN A 109 -32.01 8.84 5.39
CA GLN A 109 -32.35 9.38 4.09
C GLN A 109 -33.02 10.72 4.20
N ILE A 110 -33.03 11.46 3.12
CA ILE A 110 -33.84 12.68 3.01
C ILE A 110 -34.66 12.66 1.73
N VAL A 111 -35.72 13.48 1.67
CA VAL A 111 -36.56 13.48 0.48
C VAL A 111 -36.61 14.90 0.08
N ILE A 112 -36.21 15.16 -1.17
CA ILE A 112 -36.02 16.54 -1.60
C ILE A 112 -36.68 16.77 -2.95
N GLN A 113 -37.13 17.99 -3.17
CA GLN A 113 -37.65 18.41 -4.46
CA GLN A 113 -37.66 18.41 -4.46
C GLN A 113 -36.51 18.95 -5.32
N SER A 114 -36.32 18.39 -6.50
CA SER A 114 -35.22 18.90 -7.34
C SER A 114 -35.78 19.71 -8.51
N SER A 115 -37.08 19.56 -8.74
CA SER A 115 -37.74 20.32 -9.81
C SER A 115 -38.61 21.46 -9.27
N GLY A 116 -38.97 22.39 -10.15
CA GLY A 116 -39.95 23.42 -9.83
C GLY A 116 -39.44 24.59 -9.04
N GLY A 117 -38.19 24.51 -8.58
CA GLY A 117 -37.62 25.56 -7.74
C GLY A 117 -36.76 26.50 -8.54
N LEU A 118 -36.72 26.28 -9.86
CA LEU A 118 -35.93 27.07 -10.81
C LEU A 118 -36.71 27.27 -12.11
N SER A 119 -36.60 28.46 -12.70
CA SER A 119 -37.23 28.73 -14.00
C SER A 119 -36.37 28.12 -15.11
N LYS A 120 -36.96 28.00 -16.30
CA LYS A 120 -36.24 27.62 -17.52
C LYS A 120 -34.99 28.53 -17.68
N ASP A 121 -35.20 29.82 -17.49
CA ASP A 121 -34.14 30.83 -17.58
C ASP A 121 -33.06 30.67 -16.52
N GLN A 122 -33.47 30.36 -15.30
CA GLN A 122 -32.53 30.12 -14.20
C GLN A 122 -31.69 28.90 -14.49
N ILE A 123 -32.33 27.85 -15.03
CA ILE A 123 -31.64 26.63 -15.48
C ILE A 123 -30.61 26.93 -16.57
N GLU A 124 -31.01 27.63 -17.63
CA GLU A 124 -30.06 27.95 -18.70
C GLU A 124 -28.91 28.83 -18.21
N ASN A 125 -29.23 29.78 -17.32
CA ASN A 125 -28.22 30.68 -16.74
CA ASN A 125 -28.24 30.68 -16.71
C ASN A 125 -27.23 29.93 -15.85
N MET A 126 -27.72 28.93 -15.09
CA MET A 126 -26.84 28.14 -14.24
C MET A 126 -25.85 27.32 -15.04
N ILE A 127 -26.32 26.81 -16.20
CA ILE A 127 -25.46 26.05 -17.08
C ILE A 127 -24.45 26.97 -17.75
N LYS A 128 -24.93 28.12 -18.26
CA LYS A 128 -24.03 29.12 -18.84
C LYS A 128 -22.99 29.63 -17.84
N GLU A 129 -23.42 30.02 -16.63
CA GLU A 129 -22.52 30.46 -15.55
CA GLU A 129 -22.49 30.46 -15.59
C GLU A 129 -21.45 29.39 -15.25
N ALA A 130 -21.86 28.13 -15.22
CA ALA A 130 -20.92 27.06 -14.92
C ALA A 130 -19.88 26.98 -16.02
N GLU A 131 -20.33 27.10 -17.28
CA GLU A 131 -19.46 27.02 -18.43
C GLU A 131 -18.43 28.16 -18.37
N LYS A 132 -18.88 29.35 -18.00
CA LYS A 132 -17.97 30.49 -17.94
CA LYS A 132 -18.02 30.53 -17.90
C LYS A 132 -16.97 30.41 -16.78
N ASN A 133 -17.33 29.67 -15.72
CA ASN A 133 -16.43 29.53 -14.56
C ASN A 133 -15.67 28.22 -14.55
N ALA A 134 -15.85 27.39 -15.58
CA ALA A 134 -15.14 26.10 -15.63
C ALA A 134 -13.61 26.29 -15.64
N ALA A 135 -13.12 27.30 -16.37
CA ALA A 135 -11.67 27.50 -16.50
C ALA A 135 -11.07 27.90 -15.17
N GLU A 136 -11.83 28.64 -14.36
CA GLU A 136 -11.40 29.01 -13.02
C GLU A 136 -11.24 27.79 -12.12
N ASP A 137 -12.27 26.96 -12.06
CA ASP A 137 -12.19 25.71 -11.30
C ASP A 137 -10.98 24.86 -11.70
N ALA A 138 -10.64 24.91 -12.99
CA ALA A 138 -9.47 24.16 -13.53
C ALA A 138 -8.11 24.69 -13.04
N LYS A 139 -8.11 25.84 -12.37
CA LYS A 139 -6.84 26.45 -11.94
C LYS A 139 -6.38 25.91 -10.58
N ARG A 140 -7.15 24.96 -10.04
CA ARG A 140 -6.81 24.19 -8.83
C ARG A 140 -5.43 23.50 -9.04
N LYS A 141 -4.62 23.38 -7.97
CA LYS A 141 -3.25 22.87 -8.06
C LYS A 141 -3.02 21.60 -7.26
N GLU A 142 -4.10 21.02 -6.72
CA GLU A 142 -4.00 19.89 -5.82
CA GLU A 142 -3.95 19.90 -5.81
C GLU A 142 -3.67 18.60 -6.49
N LEU A 143 -3.06 17.72 -5.69
CA LEU A 143 -2.83 16.34 -6.11
C LEU A 143 -3.82 15.42 -5.37
N VAL A 144 -4.20 14.34 -6.04
CA VAL A 144 -5.05 13.31 -5.43
C VAL A 144 -4.27 12.02 -5.32
N GLU A 145 -4.53 11.28 -4.25
CA GLU A 145 -4.07 9.92 -4.10
C GLU A 145 -4.84 9.04 -5.11
N VAL A 146 -4.16 8.03 -5.61
CA VAL A 146 -4.82 7.07 -6.52
C VAL A 146 -4.43 5.67 -6.13
N ILE A 147 -5.22 4.70 -6.57
CA ILE A 147 -4.81 3.31 -6.50
C ILE A 147 -4.71 2.75 -7.92
N ASN A 148 -4.20 1.53 -8.02
CA ASN A 148 -4.09 0.88 -9.29
C ASN A 148 -4.39 -0.59 -9.04
N GLN A 149 -5.68 -0.89 -9.01
CA GLN A 149 -6.10 -2.23 -8.60
C GLN A 149 -7.13 -2.78 -9.54
N ALA A 150 -6.82 -3.92 -10.16
CA ALA A 150 -7.80 -4.60 -10.98
C ALA A 150 -8.87 -5.11 -10.02
N GLU A 151 -10.14 -4.99 -10.41
CA GLU A 151 -11.10 -5.54 -9.43
CA GLU A 151 -11.35 -5.28 -9.63
C GLU A 151 -11.41 -7.03 -9.53
C GLU A 151 -11.82 -4.04 -8.84
N ASP B 4 20.36 8.05 11.39
N ASP B 4 21.01 5.19 10.98
CA ASP B 4 20.13 6.61 11.00
CA ASP B 4 20.01 5.96 11.77
C ASP B 4 18.64 6.22 10.95
C ASP B 4 18.67 6.20 11.04
N VAL B 5 17.77 6.95 11.68
CA VAL B 5 16.32 6.90 11.38
C VAL B 5 15.70 8.29 11.24
N THR B 6 14.62 8.41 10.47
CA THR B 6 13.91 9.67 10.37
C THR B 6 13.16 9.96 11.67
N PRO B 7 13.26 11.21 12.17
CA PRO B 7 12.62 11.55 13.44
C PRO B 7 11.11 11.79 13.35
N LEU B 8 10.64 12.26 12.19
CA LEU B 8 9.25 12.57 11.94
C LEU B 8 8.87 12.08 10.54
N SER B 9 7.59 11.75 10.36
CA SER B 9 7.10 11.42 9.03
C SER B 9 7.28 12.59 8.03
N LEU B 10 7.38 12.23 6.77
CA LEU B 10 7.57 13.18 5.63
C LEU B 10 6.56 12.82 4.53
N GLY B 11 5.90 13.81 3.95
CA GLY B 11 4.95 13.50 2.92
C GLY B 11 4.54 14.76 2.25
N ILE B 12 3.43 14.66 1.53
CA ILE B 12 2.90 15.80 0.82
C ILE B 12 1.46 16.05 1.16
N GLU B 13 1.01 17.28 0.95
CA GLU B 13 -0.40 17.57 1.11
C GLU B 13 -1.17 17.13 -0.15
N THR B 14 -2.22 16.34 0.08
CA THR B 14 -3.13 16.00 -1.04
C THR B 14 -4.53 16.63 -0.81
N LEU B 15 -5.37 16.54 -1.83
CA LEU B 15 -6.70 17.16 -1.88
C LEU B 15 -7.42 17.11 -0.55
N GLY B 16 -7.98 18.24 -0.11
CA GLY B 16 -8.72 18.29 1.16
C GLY B 16 -7.79 18.53 2.35
N GLY B 17 -6.52 18.80 2.11
CA GLY B 17 -5.54 19.12 3.19
C GLY B 17 -5.06 17.89 3.94
N ILE B 18 -5.09 16.74 3.30
CA ILE B 18 -4.69 15.44 3.88
C ILE B 18 -3.14 15.30 3.81
N MET B 19 -2.57 14.88 4.92
CA MET B 19 -1.13 14.53 5.00
C MET B 19 -0.95 13.13 4.44
N THR B 20 -0.42 13.08 3.21
CA THR B 20 -0.09 11.78 2.63
C THR B 20 1.36 11.45 2.94
N LYS B 21 1.60 10.51 3.85
CA LYS B 21 2.98 10.16 4.20
C LYS B 21 3.67 9.33 3.11
N LEU B 22 4.87 9.76 2.71
CA LEU B 22 5.69 8.95 1.80
C LEU B 22 6.74 8.16 2.57
N ILE B 23 7.31 8.78 3.62
CA ILE B 23 8.26 8.13 4.50
C ILE B 23 7.84 8.26 5.94
N THR B 24 7.54 7.13 6.58
CA THR B 24 7.05 7.19 7.96
CA THR B 24 7.04 7.17 7.95
C THR B 24 8.17 7.40 8.98
N ARG B 25 7.81 8.06 10.10
CA ARG B 25 8.69 8.29 11.22
C ARG B 25 9.39 6.97 11.51
N ASN B 26 10.67 7.07 11.85
CA ASN B 26 11.46 5.92 12.30
C ASN B 26 11.93 4.99 11.17
N THR B 27 11.91 5.48 9.92
CA THR B 27 12.46 4.71 8.80
C THR B 27 13.99 4.82 8.75
N THR B 28 14.70 3.71 8.55
CA THR B 28 16.16 3.83 8.45
C THR B 28 16.59 4.57 7.19
N ILE B 29 17.68 5.32 7.35
CA ILE B 29 18.29 6.20 6.35
C ILE B 29 19.59 5.55 5.88
N PRO B 30 19.92 5.62 4.57
CA PRO B 30 19.22 6.23 3.43
C PRO B 30 18.01 5.40 3.05
N THR B 31 17.06 6.06 2.38
CA THR B 31 15.85 5.38 1.92
C THR B 31 15.28 6.13 0.74
N LYS B 32 14.38 5.48 0.00
CA LYS B 32 13.73 6.15 -1.13
C LYS B 32 12.35 5.59 -1.29
N LYS B 33 11.36 6.45 -1.54
CA LYS B 33 10.00 5.94 -1.70
C LYS B 33 9.38 6.78 -2.78
N SER B 34 8.58 6.15 -3.64
CA SER B 34 7.84 6.94 -4.61
CA SER B 34 7.87 6.86 -4.72
C SER B 34 6.38 6.54 -4.63
N GLN B 35 5.53 7.44 -5.13
CA GLN B 35 4.10 7.15 -5.21
C GLN B 35 3.52 7.97 -6.35
N VAL B 36 2.55 7.39 -7.07
CA VAL B 36 1.95 8.06 -8.20
C VAL B 36 0.68 8.81 -7.69
N PHE B 37 0.49 10.05 -8.13
CA PHE B 37 -0.64 10.88 -7.74
C PHE B 37 -1.23 11.36 -9.03
N SER B 38 -2.41 11.98 -8.95
CA SER B 38 -2.98 12.58 -10.15
C SER B 38 -3.54 13.97 -9.83
N THR B 39 -4.21 14.54 -10.82
CA THR B 39 -4.82 15.86 -10.68
C THR B 39 -6.23 15.79 -10.06
N ALA B 40 -6.59 16.88 -9.38
CA ALA B 40 -7.84 16.98 -8.66
C ALA B 40 -8.96 17.66 -9.48
N ALA B 41 -8.60 18.31 -10.59
CA ALA B 41 -9.59 19.09 -11.34
C ALA B 41 -9.56 18.70 -12.81
N ASP B 42 -10.71 18.69 -13.47
CA ASP B 42 -10.73 18.49 -14.93
C ASP B 42 -9.95 19.60 -15.65
N GLY B 43 -9.09 19.23 -16.60
CA GLY B 43 -8.32 20.21 -17.39
C GLY B 43 -7.21 20.89 -16.56
N GLN B 44 -6.82 20.28 -15.44
CA GLN B 44 -5.76 20.85 -14.60
C GLN B 44 -4.38 20.86 -15.29
N THR B 45 -3.72 22.00 -15.29
CA THR B 45 -2.45 22.15 -16.04
C THR B 45 -1.21 22.27 -15.13
N GLN B 46 -1.42 22.42 -13.82
CA GLN B 46 -0.27 22.44 -12.93
CA GLN B 46 -0.32 22.58 -12.88
C GLN B 46 -0.58 21.79 -11.60
N VAL B 47 0.46 21.30 -10.95
CA VAL B 47 0.32 20.72 -9.63
C VAL B 47 1.33 21.35 -8.72
N GLN B 48 0.92 21.54 -7.47
CA GLN B 48 1.79 22.11 -6.47
C GLN B 48 2.11 21.10 -5.40
N ILE B 49 3.40 20.82 -5.25
CA ILE B 49 3.90 19.88 -4.26
C ILE B 49 4.25 20.66 -2.98
N LYS B 50 3.58 20.30 -1.86
CA LYS B 50 3.87 20.94 -0.57
C LYS B 50 4.39 19.83 0.30
N VAL B 51 5.66 19.94 0.66
CA VAL B 51 6.33 18.91 1.45
C VAL B 51 6.23 19.24 2.94
N PHE B 52 5.65 18.32 3.69
CA PHE B 52 5.38 18.48 5.13
C PHE B 52 6.09 17.47 5.96
N GLN B 53 6.40 17.87 7.20
CA GLN B 53 7.10 17.03 8.17
C GLN B 53 6.26 17.04 9.45
N GLY B 54 5.93 15.85 9.95
CA GLY B 54 5.16 15.72 11.21
C GLY B 54 4.12 14.61 11.12
N GLU B 55 3.42 14.41 12.24
CA GLU B 55 2.57 13.23 12.42
C GLU B 55 1.08 13.50 12.21
N ARG B 56 0.70 14.76 12.11
CA ARG B 56 -0.74 15.10 11.96
C ARG B 56 -1.31 14.71 10.63
N GLU B 57 -2.53 14.17 10.66
CA GLU B 57 -3.23 13.78 9.44
C GLU B 57 -3.65 15.07 8.73
N MET B 58 -3.74 16.19 9.46
CA MET B 58 -4.12 17.50 8.84
CA MET B 58 -4.11 17.48 8.83
C MET B 58 -2.82 18.14 8.35
N ALA B 59 -2.56 18.07 7.04
CA ALA B 59 -1.23 18.46 6.53
C ALA B 59 -0.70 19.81 7.05
N THR B 60 -1.55 20.84 7.00
CA THR B 60 -1.13 22.20 7.28
C THR B 60 -0.81 22.42 8.75
N SER B 61 -1.15 21.45 9.61
CA SER B 61 -0.71 21.52 11.01
C SER B 61 0.69 20.98 11.22
N ASN B 62 1.27 20.40 10.16
CA ASN B 62 2.67 19.94 10.20
C ASN B 62 3.62 21.04 9.75
N LYS B 63 4.91 20.75 9.68
CA LYS B 63 5.87 21.81 9.33
C LYS B 63 6.12 21.79 7.82
N LEU B 64 5.93 22.93 7.14
CA LEU B 64 6.19 22.98 5.68
C LEU B 64 7.72 23.13 5.40
N LEU B 65 8.26 22.14 4.68
CA LEU B 65 9.72 22.09 4.38
C LEU B 65 10.05 22.52 2.94
N GLY B 66 9.05 22.45 2.06
CA GLY B 66 9.29 22.90 0.68
C GLY B 66 7.99 23.00 -0.10
N GLN B 67 8.03 23.74 -1.19
CA GLN B 67 6.87 23.97 -2.02
C GLN B 67 7.34 24.32 -3.43
N PHE B 68 6.88 23.57 -4.43
CA PHE B 68 7.30 23.80 -5.79
C PHE B 68 6.20 23.27 -6.70
N SER B 69 6.24 23.66 -7.99
CA SER B 69 5.18 23.34 -8.91
C SER B 69 5.74 22.61 -10.15
N LEU B 70 4.88 21.77 -10.71
CA LEU B 70 5.11 21.23 -12.02
CA LEU B 70 5.08 21.22 -12.04
C LEU B 70 4.06 21.88 -12.93
N VAL B 71 4.50 22.55 -14.00
CA VAL B 71 3.58 23.29 -14.83
C VAL B 71 3.56 22.68 -16.24
N GLY B 72 2.61 23.13 -17.06
CA GLY B 72 2.38 22.57 -18.44
C GLY B 72 2.03 21.07 -18.53
N ILE B 73 1.23 20.57 -17.59
CA ILE B 73 0.60 19.26 -17.75
C ILE B 73 -0.52 19.46 -18.79
N PRO B 74 -0.51 18.65 -19.86
CA PRO B 74 -1.62 18.70 -20.84
C PRO B 74 -2.99 18.39 -20.20
N PRO B 75 -3.99 19.25 -20.49
CA PRO B 75 -5.33 19.14 -19.90
C PRO B 75 -5.95 17.77 -20.16
N ALA B 76 -6.45 17.17 -19.08
CA ALA B 76 -7.01 15.83 -19.12
C ALA B 76 -8.05 15.77 -18.01
N PRO B 77 -8.93 14.74 -18.04
CA PRO B 77 -9.90 14.59 -16.93
C PRO B 77 -9.18 14.38 -15.60
N ARG B 78 -9.77 14.86 -14.51
CA ARG B 78 -9.19 14.63 -13.21
C ARG B 78 -8.92 13.13 -13.02
N GLY B 79 -7.81 12.83 -12.33
CA GLY B 79 -7.43 11.45 -12.02
C GLY B 79 -6.75 10.72 -13.17
N VAL B 80 -6.63 11.37 -14.33
CA VAL B 80 -5.99 10.69 -15.50
C VAL B 80 -4.44 10.80 -15.53
N PRO B 81 -3.88 12.02 -15.40
CA PRO B 81 -2.40 12.15 -15.39
C PRO B 81 -1.74 11.31 -14.32
N GLN B 82 -0.49 10.91 -14.54
CA GLN B 82 0.27 10.18 -13.52
C GLN B 82 1.50 11.02 -13.17
N VAL B 83 1.48 11.60 -11.97
CA VAL B 83 2.56 12.42 -11.47
C VAL B 83 3.25 11.60 -10.41
N GLU B 84 4.44 11.08 -10.73
CA GLU B 84 5.18 10.30 -9.72
C GLU B 84 6.01 11.23 -8.81
N VAL B 85 5.81 11.10 -7.51
CA VAL B 85 6.52 11.92 -6.51
C VAL B 85 7.46 10.99 -5.75
N THR B 86 8.73 11.36 -5.70
CA THR B 86 9.78 10.54 -5.09
C THR B 86 10.47 11.34 -3.96
N PHE B 87 10.56 10.71 -2.78
CA PHE B 87 11.31 11.25 -1.65
C PHE B 87 12.53 10.35 -1.52
N ASP B 88 13.72 10.93 -1.63
CA ASP B 88 14.94 10.18 -1.45
C ASP B 88 15.72 10.82 -0.30
N ILE B 89 16.19 10.05 0.66
CA ILE B 89 16.98 10.59 1.76
C ILE B 89 18.33 9.92 1.68
N ASP B 90 19.36 10.73 1.64
CA ASP B 90 20.70 10.18 1.38
C ASP B 90 21.41 9.90 2.72
N ALA B 91 22.68 9.53 2.66
CA ALA B 91 23.41 9.09 3.85
C ALA B 91 23.55 10.23 4.88
N ASN B 92 23.50 11.46 4.38
CA ASN B 92 23.60 12.67 5.26
C ASN B 92 22.24 13.23 5.65
N GLY B 93 21.18 12.50 5.34
CA GLY B 93 19.84 12.95 5.70
C GLY B 93 19.26 14.03 4.82
N ILE B 94 19.96 14.39 3.75
CA ILE B 94 19.39 15.35 2.78
C ILE B 94 18.19 14.70 2.10
N VAL B 95 17.09 15.46 2.04
CA VAL B 95 15.84 14.96 1.46
C VAL B 95 15.66 15.57 0.07
N ASN B 96 15.73 14.72 -0.95
CA ASN B 96 15.53 15.15 -2.31
C ASN B 96 14.09 14.78 -2.69
N VAL B 97 13.31 15.76 -3.15
CA VAL B 97 11.93 15.48 -3.51
C VAL B 97 11.74 15.85 -4.96
N SER B 98 11.27 14.92 -5.77
CA SER B 98 11.08 15.20 -7.19
CA SER B 98 11.10 15.14 -7.20
C SER B 98 9.66 14.83 -7.59
N ALA B 99 9.13 15.56 -8.56
CA ALA B 99 7.82 15.24 -9.09
C ALA B 99 7.98 15.18 -10.58
N ARG B 100 7.42 14.15 -11.20
CA ARG B 100 7.63 13.96 -12.66
C ARG B 100 6.32 13.55 -13.27
N ASP B 101 5.91 14.27 -14.32
CA ASP B 101 4.71 13.90 -15.05
C ASP B 101 5.06 12.87 -16.08
N ARG B 102 4.49 11.68 -15.91
CA ARG B 102 4.79 10.55 -16.83
C ARG B 102 4.42 10.83 -18.28
N GLY B 103 3.31 11.51 -18.53
CA GLY B 103 2.92 11.81 -19.92
C GLY B 103 3.91 12.62 -20.74
N THR B 104 4.46 13.66 -20.14
CA THR B 104 5.33 14.60 -20.82
C THR B 104 6.78 14.37 -20.47
N GLY B 105 7.01 13.71 -19.32
CA GLY B 105 8.37 13.58 -18.76
C GLY B 105 8.89 14.81 -18.02
N LYS B 106 8.07 15.87 -17.97
CA LYS B 106 8.45 17.11 -17.28
CA LYS B 106 8.46 17.11 -17.29
C LYS B 106 8.69 16.78 -15.82
N GLU B 107 9.76 17.36 -15.25
CA GLU B 107 10.11 17.01 -13.89
CA GLU B 107 10.15 17.01 -13.89
C GLU B 107 10.68 18.23 -13.16
N GLN B 108 10.46 18.27 -11.85
CA GLN B 108 11.03 19.31 -11.01
C GLN B 108 11.47 18.69 -9.70
N GLN B 109 12.49 19.25 -9.03
CA GLN B 109 12.87 18.71 -7.71
C GLN B 109 13.50 19.78 -6.81
N ILE B 110 13.47 19.52 -5.52
CA ILE B 110 14.11 20.39 -4.54
C ILE B 110 14.90 19.51 -3.59
N VAL B 111 15.71 20.17 -2.77
CA VAL B 111 16.38 19.50 -1.67
C VAL B 111 16.05 20.19 -0.36
N ILE B 112 16.16 19.42 0.72
CA ILE B 112 15.77 19.87 2.04
C ILE B 112 16.82 19.35 3.00
N GLN B 113 17.24 20.18 3.95
CA GLN B 113 18.31 19.76 4.88
C GLN B 113 17.81 18.65 5.82
N SER B 114 18.78 17.98 6.45
CA SER B 114 18.48 16.88 7.34
CA SER B 114 18.53 16.89 7.39
C SER B 114 17.48 17.23 8.46
N SER B 115 16.46 16.38 8.57
CA SER B 115 15.39 16.49 9.59
C SER B 115 14.76 17.88 9.66
N GLY B 116 14.71 18.58 8.52
CA GLY B 116 14.11 19.91 8.45
C GLY B 116 14.75 20.96 9.36
N GLY B 117 15.95 20.69 9.88
CA GLY B 117 16.64 21.60 10.81
C GLY B 117 16.17 21.62 12.25
N LEU B 118 15.32 20.65 12.62
CA LEU B 118 14.67 20.67 13.95
C LEU B 118 15.62 20.20 15.01
N SER B 119 15.54 20.79 16.21
CA SER B 119 16.26 20.26 17.36
C SER B 119 15.56 19.04 17.95
N LYS B 120 16.27 18.29 18.78
CA LYS B 120 15.64 17.16 19.47
C LYS B 120 14.37 17.53 20.27
N ASP B 121 14.41 18.67 20.98
CA ASP B 121 13.26 19.18 21.73
CA ASP B 121 13.26 19.17 21.73
C ASP B 121 12.08 19.49 20.81
N GLN B 122 12.37 20.16 19.70
CA GLN B 122 11.34 20.48 18.71
C GLN B 122 10.68 19.22 18.17
N ILE B 123 11.48 18.20 17.86
CA ILE B 123 10.92 16.91 17.41
C ILE B 123 9.96 16.32 18.45
N GLU B 124 10.46 16.25 19.68
CA GLU B 124 9.68 15.77 20.81
CA GLU B 124 9.69 15.77 20.81
C GLU B 124 8.36 16.52 20.93
N ASN B 125 8.42 17.86 20.89
CA ASN B 125 7.22 18.70 20.96
CA ASN B 125 7.20 18.62 21.02
C ASN B 125 6.21 18.34 19.89
N MET B 126 6.70 18.17 18.65
CA MET B 126 5.82 17.89 17.52
C MET B 126 5.12 16.54 17.67
N ILE B 127 5.85 15.55 18.17
CA ILE B 127 5.27 14.22 18.41
C ILE B 127 4.16 14.30 19.47
N LYS B 128 4.44 15.00 20.57
CA LYS B 128 3.46 15.22 21.65
C LYS B 128 2.23 15.97 21.18
N GLU B 129 2.45 17.09 20.50
CA GLU B 129 1.34 17.91 19.94
CA GLU B 129 1.32 17.88 20.01
C GLU B 129 0.43 17.10 19.01
N ALA B 130 1.05 16.27 18.16
CA ALA B 130 0.30 15.42 17.25
C ALA B 130 -0.55 14.40 18.05
N GLU B 131 0.05 13.78 19.07
CA GLU B 131 -0.70 12.87 19.97
C GLU B 131 -1.90 13.58 20.59
N LYS B 132 -1.68 14.80 21.07
CA LYS B 132 -2.73 15.61 21.72
C LYS B 132 -3.91 15.96 20.78
N ASN B 133 -3.59 16.14 19.50
CA ASN B 133 -4.57 16.55 18.50
C ASN B 133 -5.08 15.45 17.59
N ALA B 134 -4.63 14.22 17.79
CA ALA B 134 -5.05 13.08 16.93
C ALA B 134 -6.58 12.93 16.89
N ALA B 135 -7.21 12.95 18.06
CA ALA B 135 -8.67 12.75 18.14
C ALA B 135 -9.44 13.83 17.39
N GLU B 136 -8.92 15.07 17.46
CA GLU B 136 -9.54 16.24 16.80
C GLU B 136 -9.48 16.12 15.27
N ASP B 137 -8.36 15.65 14.74
CA ASP B 137 -8.18 15.40 13.30
C ASP B 137 -9.14 14.36 12.77
N ALA B 138 -9.53 13.41 13.61
CA ALA B 138 -10.43 12.33 13.21
C ALA B 138 -11.90 12.82 13.13
N LYS B 139 -12.15 14.07 13.49
CA LYS B 139 -13.54 14.62 13.46
C LYS B 139 -13.94 15.19 12.10
N ARG B 140 -13.12 14.96 11.08
CA ARG B 140 -13.51 15.29 9.70
C ARG B 140 -14.78 14.50 9.29
N LYS B 141 -15.57 15.06 8.37
CA LYS B 141 -16.86 14.46 8.02
C LYS B 141 -16.95 14.10 6.54
N GLU B 142 -15.85 14.33 5.81
CA GLU B 142 -15.95 14.22 4.33
C GLU B 142 -16.09 12.79 3.83
N LEU B 143 -16.67 12.68 2.64
CA LEU B 143 -16.72 11.41 1.88
C LEU B 143 -15.71 11.52 0.72
N VAL B 144 -15.12 10.37 0.41
CA VAL B 144 -14.08 10.27 -0.60
CA VAL B 144 -14.05 10.24 -0.58
C VAL B 144 -14.51 9.34 -1.73
N GLU B 145 -14.25 9.79 -2.97
CA GLU B 145 -14.45 9.02 -4.17
C GLU B 145 -13.07 8.44 -4.55
N VAL B 146 -12.85 7.14 -4.40
CA VAL B 146 -11.52 6.57 -4.73
C VAL B 146 -11.22 6.73 -6.25
N ILE B 147 -9.99 7.10 -6.58
CA ILE B 147 -9.59 7.15 -7.99
C ILE B 147 -8.67 5.96 -8.26
N ASN B 148 -9.10 5.12 -9.18
CA ASN B 148 -8.40 3.89 -9.53
C ASN B 148 -7.92 4.00 -10.97
N GLN B 149 -6.61 3.96 -11.19
CA GLN B 149 -6.09 4.14 -12.55
C GLN B 149 -5.85 2.80 -13.24
N ALA B 150 -6.27 1.71 -12.58
CA ALA B 150 -6.04 0.37 -13.16
C ALA B 150 -6.62 0.25 -14.57
N GLU B 151 -5.89 -0.41 -15.46
N GLU B 151 -5.91 -0.57 -15.36
CA GLU B 151 -6.31 -0.61 -16.85
CA GLU B 151 -6.25 -1.17 -16.67
C GLU B 151 -7.00 -1.96 -17.05
C GLU B 151 -5.94 -0.34 -17.95
N ASP C 4 -1.07 -38.61 24.43
N ASP C 4 0.00 -40.63 22.77
CA ASP C 4 0.07 -39.21 23.52
CA ASP C 4 0.54 -39.55 23.66
C ASP C 4 0.89 -38.20 22.68
C ASP C 4 1.33 -38.45 22.89
N VAL C 5 1.31 -38.61 21.48
CA VAL C 5 2.16 -37.72 20.62
C VAL C 5 1.63 -37.53 19.19
N THR C 6 2.02 -36.44 18.53
CA THR C 6 1.68 -36.28 17.11
C THR C 6 2.55 -37.23 16.30
N PRO C 7 1.96 -37.95 15.32
CA PRO C 7 2.80 -38.84 14.51
C PRO C 7 3.59 -38.08 13.44
N LEU C 8 3.01 -37.01 12.91
CA LEU C 8 3.64 -36.20 11.86
C LEU C 8 3.56 -34.70 12.21
N SER C 9 4.50 -33.91 11.69
CA SER C 9 4.57 -32.46 11.97
C SER C 9 3.34 -31.81 11.34
N LEU C 10 2.93 -30.68 11.88
CA LEU C 10 1.76 -29.93 11.39
C LEU C 10 2.15 -28.44 11.24
N GLY C 11 1.73 -27.81 10.16
CA GLY C 11 2.08 -26.42 9.97
C GLY C 11 1.26 -25.82 8.87
N ILE C 12 1.79 -24.73 8.32
CA ILE C 12 1.06 -23.99 7.29
C ILE C 12 2.01 -23.68 6.14
N GLU C 13 1.46 -23.45 4.95
CA GLU C 13 2.30 -23.03 3.81
C GLU C 13 2.64 -21.54 3.88
N THR C 14 3.91 -21.22 3.76
CA THR C 14 4.31 -19.81 3.68
C THR C 14 4.97 -19.52 2.33
N LEU C 15 5.28 -18.25 2.08
CA LEU C 15 5.72 -17.81 0.77
C LEU C 15 6.84 -18.67 0.21
N GLY C 16 6.79 -18.98 -1.09
CA GLY C 16 7.80 -19.86 -1.69
C GLY C 16 7.50 -21.36 -1.60
N GLY C 17 6.33 -21.70 -1.05
CA GLY C 17 5.86 -23.07 -0.91
C GLY C 17 6.45 -23.78 0.29
N ILE C 18 6.94 -22.99 1.25
CA ILE C 18 7.61 -23.55 2.42
C ILE C 18 6.57 -24.12 3.41
N MET C 19 6.88 -25.28 3.96
CA MET C 19 6.18 -25.85 5.12
C MET C 19 6.77 -25.23 6.40
N THR C 20 6.00 -24.32 6.99
CA THR C 20 6.36 -23.70 8.26
C THR C 20 5.71 -24.55 9.34
N LYS C 21 6.52 -25.31 10.07
CA LYS C 21 6.02 -26.19 11.15
C LYS C 21 5.57 -25.38 12.39
N LEU C 22 4.36 -25.66 12.89
CA LEU C 22 3.92 -25.07 14.16
C LEU C 22 3.97 -26.10 15.27
N ILE C 23 3.71 -27.35 14.93
CA ILE C 23 3.89 -28.45 15.88
C ILE C 23 4.71 -29.57 15.26
N THR C 24 5.89 -29.77 15.82
CA THR C 24 6.83 -30.72 15.29
CA THR C 24 6.85 -30.75 15.30
C THR C 24 6.38 -32.17 15.61
N ARG C 25 6.67 -33.12 14.71
CA ARG C 25 6.32 -34.52 14.98
C ARG C 25 6.84 -34.98 16.35
N ASN C 26 6.10 -35.92 16.94
CA ASN C 26 6.42 -36.54 18.23
C ASN C 26 6.28 -35.57 19.41
N THR C 27 5.51 -34.51 19.21
CA THR C 27 5.11 -33.62 20.30
C THR C 27 3.92 -34.22 21.06
N THR C 28 3.99 -34.13 22.40
CA THR C 28 2.98 -34.71 23.28
C THR C 28 1.73 -33.81 23.32
N ILE C 29 0.58 -34.45 23.15
CA ILE C 29 -0.72 -33.77 23.11
C ILE C 29 -1.51 -34.04 24.41
N PRO C 30 -2.34 -33.06 24.87
CA PRO C 30 -2.69 -31.80 24.22
C PRO C 30 -1.50 -30.84 24.22
N THR C 31 -1.55 -29.85 23.32
CA THR C 31 -0.62 -28.75 23.32
C THR C 31 -1.19 -27.64 22.43
N LYS C 32 -0.73 -26.43 22.66
CA LYS C 32 -1.03 -25.32 21.75
C LYS C 32 0.24 -24.53 21.42
N LYS C 33 0.32 -24.15 20.14
CA LYS C 33 1.48 -23.48 19.61
C LYS C 33 0.95 -22.33 18.76
N SER C 34 1.59 -21.17 18.83
CA SER C 34 1.20 -20.09 17.92
C SER C 34 2.40 -19.38 17.30
N GLN C 35 2.17 -18.65 16.21
CA GLN C 35 3.24 -17.90 15.58
C GLN C 35 2.61 -16.74 14.81
N VAL C 36 3.32 -15.62 14.72
CA VAL C 36 2.83 -14.46 13.99
C VAL C 36 3.43 -14.47 12.56
N PHE C 37 2.59 -14.12 11.59
CA PHE C 37 2.97 -14.05 10.17
C PHE C 37 2.47 -12.72 9.65
N SER C 38 2.81 -12.43 8.39
CA SER C 38 2.31 -11.21 7.80
C SER C 38 1.96 -11.44 6.32
N THR C 39 1.47 -10.40 5.68
CA THR C 39 1.24 -10.39 4.26
C THR C 39 2.49 -10.33 3.39
N ALA C 40 2.40 -10.93 2.21
CA ALA C 40 3.52 -11.01 1.27
C ALA C 40 3.52 -9.90 0.23
N ALA C 41 2.35 -9.28 0.00
CA ALA C 41 2.24 -8.22 -1.00
C ALA C 41 1.70 -6.94 -0.39
N ASP C 42 1.97 -5.82 -1.05
CA ASP C 42 1.46 -4.53 -0.60
C ASP C 42 -0.04 -4.45 -0.80
N GLY C 43 -0.72 -3.89 0.21
CA GLY C 43 -2.16 -3.64 0.13
C GLY C 43 -2.97 -4.91 0.10
N GLN C 44 -2.41 -5.99 0.59
CA GLN C 44 -3.04 -7.31 0.52
C GLN C 44 -4.19 -7.39 1.51
N THR C 45 -5.39 -7.70 1.04
CA THR C 45 -6.56 -7.59 1.93
C THR C 45 -7.02 -8.90 2.59
N GLN C 46 -6.27 -9.97 2.38
CA GLN C 46 -6.63 -11.25 3.00
C GLN C 46 -5.41 -12.15 3.05
N VAL C 47 -5.47 -13.19 3.89
CA VAL C 47 -4.48 -14.28 3.82
C VAL C 47 -5.23 -15.60 3.79
N GLN C 48 -4.63 -16.59 3.11
CA GLN C 48 -5.18 -17.92 3.06
C GLN C 48 -4.26 -18.86 3.84
N ILE C 49 -4.85 -19.55 4.81
CA ILE C 49 -4.11 -20.49 5.66
CA ILE C 49 -4.14 -20.50 5.67
C ILE C 49 -4.32 -21.90 5.10
N LYS C 50 -3.22 -22.54 4.70
CA LYS C 50 -3.28 -23.94 4.20
C LYS C 50 -2.55 -24.80 5.23
N VAL C 51 -3.30 -25.74 5.83
CA VAL C 51 -2.80 -26.55 6.92
C VAL C 51 -2.34 -27.90 6.38
N PHE C 52 -1.05 -28.19 6.59
CA PHE C 52 -0.40 -29.39 6.08
C PHE C 52 0.12 -30.30 7.19
N GLN C 53 0.15 -31.59 6.89
CA GLN C 53 0.70 -32.57 7.80
C GLN C 53 1.78 -33.39 7.08
N GLY C 54 2.96 -33.48 7.70
CA GLY C 54 4.09 -34.23 7.14
C GLY C 54 5.43 -33.53 7.40
N GLU C 55 6.50 -34.15 6.92
CA GLU C 55 7.87 -33.75 7.26
C GLU C 55 8.62 -33.01 6.15
N ARG C 56 8.05 -32.98 4.94
CA ARG C 56 8.75 -32.37 3.82
CA ARG C 56 8.72 -32.36 3.78
C ARG C 56 8.78 -30.85 3.94
N GLU C 57 9.88 -30.25 3.50
CA GLU C 57 10.07 -28.81 3.59
CA GLU C 57 10.04 -28.81 3.59
C GLU C 57 9.20 -28.08 2.55
N MET C 58 8.83 -28.79 1.48
CA MET C 58 7.94 -28.24 0.47
C MET C 58 6.51 -28.59 0.89
N ALA C 59 5.73 -27.56 1.22
CA ALA C 59 4.38 -27.74 1.75
C ALA C 59 3.51 -28.74 0.98
N THR C 60 3.47 -28.62 -0.35
CA THR C 60 2.48 -29.39 -1.12
C THR C 60 2.87 -30.85 -1.26
N SER C 61 4.11 -31.18 -0.90
CA SER C 61 4.55 -32.57 -0.78
C SER C 61 3.97 -33.25 0.45
N ASN C 62 3.39 -32.46 1.35
CA ASN C 62 2.70 -32.97 2.55
C ASN C 62 1.20 -33.12 2.30
N LYS C 63 0.45 -33.54 3.30
CA LYS C 63 -0.99 -33.79 3.14
C LYS C 63 -1.76 -32.56 3.54
N LEU C 64 -2.56 -32.02 2.62
CA LEU C 64 -3.41 -30.85 2.95
C LEU C 64 -4.57 -31.29 3.85
N LEU C 65 -4.64 -30.72 5.05
CA LEU C 65 -5.71 -31.07 5.99
C LEU C 65 -6.84 -30.06 6.04
N GLY C 66 -6.54 -28.80 5.73
CA GLY C 66 -7.56 -27.76 5.75
C GLY C 66 -7.08 -26.48 5.05
N GLN C 67 -8.03 -25.62 4.72
CA GLN C 67 -7.73 -24.43 3.96
C GLN C 67 -8.83 -23.41 4.21
N PHE C 68 -8.48 -22.24 4.74
CA PHE C 68 -9.47 -21.19 5.05
C PHE C 68 -8.83 -19.83 4.95
N SER C 69 -9.65 -18.80 4.80
CA SER C 69 -9.06 -17.47 4.71
C SER C 69 -9.43 -16.57 5.88
N LEU C 70 -8.62 -15.51 6.04
CA LEU C 70 -8.93 -14.38 6.91
C LEU C 70 -9.02 -13.16 5.99
N VAL C 71 -10.20 -12.56 5.90
CA VAL C 71 -10.45 -11.46 4.95
C VAL C 71 -10.72 -10.14 5.67
N GLY C 72 -10.75 -9.04 4.92
CA GLY C 72 -11.04 -7.75 5.57
C GLY C 72 -9.85 -7.12 6.26
N ILE C 73 -8.63 -7.51 5.86
CA ILE C 73 -7.44 -6.82 6.30
C ILE C 73 -7.31 -5.44 5.61
N PRO C 74 -7.23 -4.37 6.40
CA PRO C 74 -7.06 -3.02 5.79
C PRO C 74 -5.77 -2.98 4.98
N PRO C 75 -5.81 -2.30 3.81
CA PRO C 75 -4.58 -2.23 3.00
C PRO C 75 -3.41 -1.59 3.75
N ALA C 76 -2.29 -2.28 3.74
CA ALA C 76 -1.03 -1.82 4.37
C ALA C 76 0.19 -2.34 3.59
N PRO C 77 1.37 -1.74 3.81
CA PRO C 77 2.58 -2.27 3.11
C PRO C 77 2.84 -3.72 3.48
N ARG C 78 3.46 -4.49 2.58
CA ARG C 78 3.73 -5.90 2.86
CA ARG C 78 3.73 -5.90 2.86
C ARG C 78 4.56 -6.03 4.14
N GLY C 79 4.28 -7.07 4.90
CA GLY C 79 4.97 -7.36 6.15
C GLY C 79 4.55 -6.51 7.34
N VAL C 80 3.55 -5.65 7.16
CA VAL C 80 3.13 -4.79 8.27
C VAL C 80 2.02 -5.43 9.17
N PRO C 81 0.96 -5.99 8.55
CA PRO C 81 -0.05 -6.68 9.41
C PRO C 81 0.49 -7.84 10.29
N GLN C 82 -0.13 -8.05 11.45
CA GLN C 82 0.27 -9.12 12.35
C GLN C 82 -0.86 -10.13 12.47
N VAL C 83 -0.69 -11.24 11.76
CA VAL C 83 -1.66 -12.33 11.73
C VAL C 83 -1.12 -13.45 12.60
N GLU C 84 -1.76 -13.65 13.77
CA GLU C 84 -1.35 -14.73 14.67
CA GLU C 84 -1.37 -14.73 14.67
C GLU C 84 -2.07 -16.04 14.34
N VAL C 85 -1.30 -17.08 14.07
CA VAL C 85 -1.88 -18.39 13.77
C VAL C 85 -1.63 -19.32 14.94
N THR C 86 -2.69 -19.97 15.43
CA THR C 86 -2.63 -20.91 16.57
C THR C 86 -3.08 -22.33 16.20
N PHE C 87 -2.32 -23.32 16.64
CA PHE C 87 -2.73 -24.69 16.50
C PHE C 87 -2.97 -25.19 17.92
N ASP C 88 -4.21 -25.66 18.19
CA ASP C 88 -4.60 -26.32 19.45
CA ASP C 88 -4.58 -26.31 19.44
C ASP C 88 -4.96 -27.76 19.18
N ILE C 89 -4.18 -28.68 19.73
CA ILE C 89 -4.53 -30.09 19.63
CA ILE C 89 -4.54 -30.08 19.63
C ILE C 89 -4.98 -30.53 21.00
N ASP C 90 -6.22 -31.00 21.09
CA ASP C 90 -6.74 -31.55 22.34
C ASP C 90 -6.02 -32.87 22.61
N ALA C 91 -6.33 -33.47 23.77
CA ALA C 91 -5.77 -34.76 24.15
C ALA C 91 -6.26 -35.87 23.22
N ASN C 92 -7.13 -35.51 22.27
CA ASN C 92 -7.78 -36.49 21.40
C ASN C 92 -7.25 -36.55 19.96
N GLY C 93 -6.41 -35.59 19.58
CA GLY C 93 -5.87 -35.54 18.22
C GLY C 93 -6.56 -34.49 17.36
N ILE C 94 -7.68 -33.97 17.87
CA ILE C 94 -8.44 -32.91 17.19
C ILE C 94 -7.70 -31.57 17.22
N VAL C 95 -7.48 -31.03 16.02
CA VAL C 95 -6.73 -29.81 15.86
C VAL C 95 -7.67 -28.64 15.50
N ASN C 96 -7.70 -27.62 16.36
CA ASN C 96 -8.33 -26.36 16.01
CA ASN C 96 -8.32 -26.32 16.11
C ASN C 96 -7.28 -25.33 15.60
N VAL C 97 -7.41 -24.87 14.36
CA VAL C 97 -6.46 -23.91 13.83
C VAL C 97 -7.18 -22.57 13.68
N SER C 98 -6.62 -21.53 14.29
CA SER C 98 -7.17 -20.18 14.20
C SER C 98 -6.14 -19.18 13.67
N ALA C 99 -6.66 -18.11 13.11
CA ALA C 99 -5.89 -17.01 12.58
C ALA C 99 -6.61 -15.73 13.00
N ARG C 100 -5.85 -14.84 13.62
CA ARG C 100 -6.35 -13.57 14.13
C ARG C 100 -5.54 -12.41 13.54
N ASP C 101 -6.22 -11.42 12.95
CA ASP C 101 -5.51 -10.22 12.53
C ASP C 101 -5.51 -9.26 13.71
N ARG C 102 -4.33 -8.98 14.25
CA ARG C 102 -4.26 -8.15 15.46
C ARG C 102 -4.79 -6.72 15.27
N GLY C 103 -4.55 -6.15 14.10
CA GLY C 103 -4.97 -4.77 13.82
C GLY C 103 -6.49 -4.60 13.90
N THR C 104 -7.22 -5.58 13.38
CA THR C 104 -8.69 -5.50 13.37
C THR C 104 -9.37 -6.31 14.46
N GLY C 105 -8.70 -7.36 14.92
CA GLY C 105 -9.35 -8.30 15.80
C GLY C 105 -10.19 -9.35 15.07
N LYS C 106 -10.24 -9.28 13.73
CA LYS C 106 -10.95 -10.30 12.93
C LYS C 106 -10.27 -11.67 13.10
N GLU C 107 -11.09 -12.73 13.23
CA GLU C 107 -10.62 -14.07 13.54
CA GLU C 107 -10.63 -14.07 13.54
C GLU C 107 -11.42 -15.09 12.78
N GLN C 108 -10.74 -16.17 12.36
CA GLN C 108 -11.34 -17.34 11.73
C GLN C 108 -10.70 -18.60 12.28
N GLN C 109 -11.45 -19.71 12.29
CA GLN C 109 -10.91 -20.99 12.75
CA GLN C 109 -10.96 -20.99 12.82
C GLN C 109 -11.57 -22.18 12.06
N ILE C 110 -10.84 -23.30 12.03
CA ILE C 110 -11.36 -24.55 11.48
C ILE C 110 -10.97 -25.68 12.41
N VAL C 111 -11.63 -26.83 12.23
CA VAL C 111 -11.28 -28.07 12.91
C VAL C 111 -10.83 -29.08 11.88
N ILE C 112 -9.82 -29.82 12.32
CA ILE C 112 -9.13 -30.81 11.56
C ILE C 112 -8.97 -31.95 12.55
N GLN C 113 -8.82 -33.16 12.06
CA GLN C 113 -8.16 -34.16 12.88
C GLN C 113 -7.03 -34.89 12.14
N SER C 114 -5.96 -35.16 12.89
CA SER C 114 -4.70 -35.63 12.32
C SER C 114 -4.51 -37.14 12.50
N ASN C 125 8.46 -44.71 8.31
CA ASN C 125 9.13 -44.72 7.02
C ASN C 125 8.90 -43.44 6.23
N MET C 126 7.69 -42.91 6.33
CA MET C 126 7.35 -41.57 5.83
C MET C 126 8.35 -40.55 6.37
N ILE C 127 8.76 -40.76 7.62
CA ILE C 127 9.74 -39.92 8.27
C ILE C 127 11.18 -40.17 7.75
N LYS C 128 11.46 -41.41 7.30
CA LYS C 128 12.77 -41.74 6.73
C LYS C 128 12.94 -41.27 5.28
N GLU C 129 11.83 -41.25 4.54
CA GLU C 129 11.77 -40.61 3.23
C GLU C 129 12.10 -39.13 3.38
N ALA C 130 11.61 -38.54 4.47
CA ALA C 130 11.87 -37.14 4.81
C ALA C 130 13.33 -36.85 5.14
N GLU C 131 13.98 -37.69 5.97
CA GLU C 131 15.40 -37.44 6.29
C GLU C 131 16.33 -37.58 5.07
N LYS C 132 15.97 -38.50 4.16
CA LYS C 132 16.58 -38.55 2.83
C LYS C 132 16.46 -37.22 2.06
N ASN C 133 15.23 -36.73 1.91
CA ASN C 133 15.00 -35.50 1.14
C ASN C 133 15.52 -34.24 1.81
N ALA C 134 15.60 -34.29 3.15
CA ALA C 134 16.18 -33.21 3.94
C ALA C 134 17.66 -33.03 3.62
N ALA C 135 18.35 -34.14 3.38
CA ALA C 135 19.76 -34.09 2.95
C ALA C 135 19.90 -33.45 1.57
N GLU C 136 18.98 -33.79 0.67
CA GLU C 136 18.93 -33.16 -0.65
C GLU C 136 18.56 -31.67 -0.54
N ASP C 137 17.63 -31.34 0.38
CA ASP C 137 17.20 -29.94 0.58
C ASP C 137 18.36 -29.04 1.03
N ALA C 138 19.25 -29.58 1.87
CA ALA C 138 20.36 -28.80 2.45
C ALA C 138 21.33 -28.38 1.36
N LYS C 139 21.17 -28.95 0.17
CA LYS C 139 22.03 -28.65 -0.97
C LYS C 139 21.53 -27.45 -1.80
N ARG C 140 20.32 -26.97 -1.50
CA ARG C 140 19.75 -25.86 -2.24
C ARG C 140 20.52 -24.56 -1.93
N LYS C 141 20.29 -23.54 -2.74
CA LYS C 141 21.16 -22.38 -2.64
C LYS C 141 20.41 -21.08 -2.49
N GLU C 142 19.08 -21.13 -2.39
CA GLU C 142 18.28 -19.88 -2.35
C GLU C 142 18.46 -19.07 -1.08
N LEU C 143 18.30 -17.76 -1.21
CA LEU C 143 18.19 -16.84 -0.06
C LEU C 143 16.70 -16.48 0.11
N VAL C 144 16.31 -16.24 1.35
CA VAL C 144 14.98 -15.73 1.64
C VAL C 144 15.13 -14.34 2.29
N GLU C 145 14.16 -13.49 2.02
CA GLU C 145 14.10 -12.17 2.61
C GLU C 145 13.65 -12.26 4.05
N VAL C 146 14.39 -11.62 4.94
CA VAL C 146 14.07 -11.63 6.39
C VAL C 146 13.15 -10.44 6.66
N ILE C 147 11.98 -10.71 7.21
CA ILE C 147 10.99 -9.64 7.46
C ILE C 147 10.97 -9.41 8.96
N ASN C 148 11.38 -8.23 9.40
CA ASN C 148 11.51 -7.93 10.83
C ASN C 148 10.51 -6.83 11.17
N GLN C 149 9.57 -7.12 12.06
CA GLN C 149 8.54 -6.14 12.37
C GLN C 149 8.96 -5.23 13.54
N ALA C 150 10.18 -5.44 14.06
CA ALA C 150 10.69 -4.67 15.21
C ALA C 150 10.63 -3.18 14.92
N GLU C 151 10.26 -2.39 15.92
N GLU C 151 10.25 -2.43 15.96
CA GLU C 151 10.12 -0.95 15.73
CA GLU C 151 10.13 -0.95 15.98
C GLU C 151 11.25 -0.15 16.40
C GLU C 151 9.34 -0.29 14.83
N SER D 1 22.90 20.15 -11.56
CA SER D 1 22.07 20.52 -10.37
C SER D 1 21.00 19.47 -9.99
N ASN D 2 20.32 18.86 -10.99
CA ASN D 2 19.48 17.67 -10.71
C ASN D 2 20.34 16.54 -10.18
N ALA D 3 19.85 15.85 -9.16
CA ALA D 3 20.57 14.72 -8.57
C ALA D 3 20.77 13.60 -9.64
N ASP D 4 21.93 12.92 -9.64
CA ASP D 4 22.04 11.68 -10.44
C ASP D 4 21.36 10.55 -9.71
N VAL D 5 20.62 9.73 -10.46
CA VAL D 5 19.85 8.63 -9.89
C VAL D 5 19.97 7.33 -10.64
N THR D 6 19.69 6.23 -9.96
CA THR D 6 19.65 4.96 -10.68
C THR D 6 18.46 4.89 -11.65
N PRO D 7 18.70 4.38 -12.89
CA PRO D 7 17.62 4.30 -13.88
C PRO D 7 16.65 3.15 -13.63
N LEU D 8 17.15 2.05 -13.06
CA LEU D 8 16.41 0.82 -12.84
C LEU D 8 16.71 0.25 -11.45
N SER D 9 15.74 -0.47 -10.88
CA SER D 9 15.96 -1.09 -9.56
C SER D 9 17.07 -2.14 -9.65
N LEU D 10 17.73 -2.41 -8.52
CA LEU D 10 18.83 -3.39 -8.45
C LEU D 10 18.51 -4.23 -7.23
N GLY D 11 18.60 -5.54 -7.40
CA GLY D 11 18.37 -6.37 -6.22
C GLY D 11 18.90 -7.78 -6.44
N ILE D 12 18.39 -8.72 -5.65
CA ILE D 12 18.86 -10.10 -5.77
C ILE D 12 17.69 -11.07 -5.89
N GLU D 13 17.98 -12.25 -6.42
CA GLU D 13 16.93 -13.28 -6.54
C GLU D 13 16.72 -13.97 -5.19
N THR D 14 15.47 -14.09 -4.76
CA THR D 14 15.16 -14.81 -3.50
C THR D 14 14.24 -15.99 -3.83
N LEU D 15 13.99 -16.85 -2.84
CA LEU D 15 13.22 -18.07 -3.04
C LEU D 15 11.95 -17.89 -3.90
N GLY D 16 11.74 -18.79 -4.85
CA GLY D 16 10.58 -18.74 -5.76
C GLY D 16 10.87 -17.94 -7.03
N GLY D 17 12.14 -17.57 -7.20
CA GLY D 17 12.58 -16.84 -8.39
C GLY D 17 12.15 -15.39 -8.38
N ILE D 18 11.97 -14.85 -7.18
CA ILE D 18 11.48 -13.48 -6.99
C ILE D 18 12.65 -12.48 -6.98
N MET D 19 12.46 -11.36 -7.66
CA MET D 19 13.37 -10.23 -7.61
C MET D 19 13.11 -9.41 -6.34
N THR D 20 14.03 -9.41 -5.38
CA THR D 20 13.92 -8.60 -4.14
C THR D 20 14.78 -7.35 -4.35
N LYS D 21 14.12 -6.20 -4.58
CA LYS D 21 14.84 -4.94 -4.83
C LYS D 21 15.55 -4.47 -3.57
N LEU D 22 16.84 -4.19 -3.63
CA LEU D 22 17.53 -3.56 -2.50
C LEU D 22 17.61 -2.06 -2.72
N ILE D 23 17.93 -1.64 -3.94
CA ILE D 23 17.99 -0.23 -4.28
C ILE D 23 17.01 0.01 -5.45
N THR D 24 15.91 0.71 -5.18
CA THR D 24 14.86 0.88 -6.18
C THR D 24 15.30 1.94 -7.16
N ARG D 25 14.73 1.89 -8.37
CA ARG D 25 15.00 2.90 -9.38
C ARG D 25 14.78 4.32 -8.80
N ASN D 26 15.48 5.31 -9.35
CA ASN D 26 15.32 6.72 -8.95
C ASN D 26 15.90 7.03 -7.57
N THR D 27 16.74 6.11 -7.07
CA THR D 27 17.51 6.41 -5.87
C THR D 27 18.76 7.27 -6.18
N THR D 28 18.99 8.34 -5.39
CA THR D 28 20.19 9.19 -5.64
C THR D 28 21.49 8.41 -5.44
N ILE D 29 22.44 8.66 -6.35
CA ILE D 29 23.79 8.06 -6.25
C ILE D 29 24.85 9.15 -6.03
N PRO D 30 25.95 8.81 -5.32
CA PRO D 30 26.29 7.48 -4.80
C PRO D 30 25.37 7.08 -3.65
N THR D 31 25.31 5.78 -3.38
CA THR D 31 24.51 5.29 -2.30
C THR D 31 25.06 3.98 -1.80
N LYS D 32 24.61 3.55 -0.62
CA LYS D 32 24.97 2.25 -0.07
C LYS D 32 23.77 1.76 0.74
N LYS D 33 23.40 0.49 0.56
CA LYS D 33 22.27 -0.05 1.27
C LYS D 33 22.52 -1.52 1.54
N SER D 34 22.19 -1.96 2.76
CA SER D 34 22.30 -3.37 3.14
CA SER D 34 22.29 -3.37 3.11
C SER D 34 20.92 -3.93 3.51
N GLN D 35 20.76 -5.25 3.30
CA GLN D 35 19.54 -5.95 3.67
C GLN D 35 19.95 -7.34 4.14
N VAL D 36 19.21 -7.88 5.12
CA VAL D 36 19.51 -9.23 5.66
C VAL D 36 18.63 -10.29 5.00
N PHE D 37 19.30 -11.40 4.64
CA PHE D 37 18.67 -12.56 4.08
C PHE D 37 19.05 -13.80 4.88
N SER D 38 18.35 -14.89 4.64
CA SER D 38 18.68 -16.13 5.34
C SER D 38 18.54 -17.32 4.39
N THR D 39 18.74 -18.52 4.94
CA THR D 39 18.63 -19.79 4.20
C THR D 39 17.17 -20.26 4.00
N ALA D 40 16.98 -21.07 2.94
CA ALA D 40 15.69 -21.64 2.59
C ALA D 40 15.50 -23.08 3.11
N ALA D 41 16.56 -23.76 3.56
CA ALA D 41 16.45 -25.14 4.07
C ALA D 41 17.29 -25.37 5.32
N ASP D 42 16.84 -26.30 6.17
CA ASP D 42 17.63 -26.78 7.31
C ASP D 42 18.98 -27.29 6.81
N GLY D 43 20.04 -26.86 7.50
CA GLY D 43 21.40 -27.34 7.24
C GLY D 43 22.02 -26.80 5.94
N GLN D 44 21.41 -25.78 5.33
CA GLN D 44 21.91 -25.25 4.06
C GLN D 44 23.28 -24.60 4.23
N THR D 45 24.29 -25.05 3.49
CA THR D 45 25.63 -24.47 3.69
C THR D 45 26.09 -23.49 2.62
N GLN D 46 25.35 -23.37 1.51
CA GLN D 46 25.73 -22.42 0.46
CA GLN D 46 25.70 -22.46 0.42
C GLN D 46 24.56 -21.48 0.17
N VAL D 47 24.86 -20.21 -0.01
CA VAL D 47 23.82 -19.28 -0.52
C VAL D 47 24.30 -18.62 -1.82
N GLN D 48 23.42 -18.47 -2.81
CA GLN D 48 23.83 -17.87 -4.09
CA GLN D 48 23.79 -17.89 -4.11
C GLN D 48 23.24 -16.47 -4.21
N ILE D 49 24.13 -15.52 -4.47
CA ILE D 49 23.71 -14.12 -4.60
C ILE D 49 23.66 -13.84 -6.11
N LYS D 50 22.44 -13.70 -6.65
CA LYS D 50 22.25 -13.42 -8.08
CA LYS D 50 22.27 -13.40 -8.07
C LYS D 50 21.74 -11.98 -8.20
N VAL D 51 22.54 -11.11 -8.84
CA VAL D 51 22.26 -9.66 -8.84
C VAL D 51 21.55 -9.32 -10.15
N PHE D 52 20.39 -8.66 -10.04
CA PHE D 52 19.54 -8.34 -11.19
C PHE D 52 19.24 -6.85 -11.28
N GLN D 53 19.06 -6.38 -12.53
CA GLN D 53 18.65 -5.02 -12.80
C GLN D 53 17.29 -5.00 -13.52
N GLY D 54 16.33 -4.29 -12.93
CA GLY D 54 15.00 -4.17 -13.55
C GLY D 54 13.85 -4.16 -12.57
N GLU D 55 12.64 -4.04 -13.11
CA GLU D 55 11.44 -3.80 -12.29
C GLU D 55 10.53 -5.02 -12.14
N ARG D 56 10.79 -6.10 -12.90
CA ARG D 56 9.84 -7.21 -13.01
C ARG D 56 9.88 -8.05 -11.74
N GLU D 57 8.73 -8.65 -11.39
CA GLU D 57 8.65 -9.44 -10.16
C GLU D 57 9.51 -10.69 -10.26
N MET D 58 9.50 -11.30 -11.45
CA MET D 58 10.29 -12.52 -11.63
CA MET D 58 10.27 -12.51 -11.68
C MET D 58 11.72 -12.16 -12.01
N ALA D 59 12.63 -12.57 -11.14
CA ALA D 59 14.04 -12.23 -11.28
C ALA D 59 14.62 -12.48 -12.65
N THR D 60 14.34 -13.64 -13.24
CA THR D 60 15.00 -13.99 -14.49
C THR D 60 14.41 -13.20 -15.67
N SER D 61 13.25 -12.56 -15.47
CA SER D 61 12.75 -11.55 -16.41
C SER D 61 13.53 -10.21 -16.39
N ASN D 62 14.44 -10.07 -15.43
CA ASN D 62 15.32 -8.89 -15.39
C ASN D 62 16.70 -9.22 -15.93
N LYS D 63 17.58 -8.24 -15.93
CA LYS D 63 18.93 -8.46 -16.44
C LYS D 63 19.92 -8.91 -15.36
N LEU D 64 20.54 -10.08 -15.57
CA LEU D 64 21.54 -10.61 -14.62
C LEU D 64 22.82 -9.75 -14.79
N LEU D 65 23.32 -9.20 -13.68
CA LEU D 65 24.52 -8.39 -13.69
C LEU D 65 25.74 -9.08 -13.09
N GLY D 66 25.52 -10.05 -12.22
CA GLY D 66 26.60 -10.78 -11.54
C GLY D 66 26.07 -11.90 -10.68
N GLN D 67 26.94 -12.83 -10.30
CA GLN D 67 26.56 -13.89 -9.41
C GLN D 67 27.76 -14.38 -8.62
N PHE D 68 27.56 -14.67 -7.34
CA PHE D 68 28.58 -15.36 -6.54
C PHE D 68 27.90 -16.01 -5.33
N SER D 69 28.61 -16.90 -4.64
CA SER D 69 28.08 -17.59 -3.50
C SER D 69 28.94 -17.30 -2.25
N LEU D 70 28.30 -17.48 -1.11
CA LEU D 70 28.99 -17.80 0.11
C LEU D 70 28.85 -19.31 0.32
N VAL D 71 29.97 -19.95 0.68
CA VAL D 71 30.01 -21.40 0.83
C VAL D 71 30.55 -21.68 2.21
N GLY D 72 30.10 -22.78 2.80
CA GLY D 72 30.58 -23.20 4.09
C GLY D 72 29.92 -22.51 5.27
N ILE D 73 28.68 -22.02 5.07
CA ILE D 73 27.88 -21.53 6.19
CA ILE D 73 27.83 -21.55 6.18
C ILE D 73 27.64 -22.73 7.16
N PRO D 74 27.91 -22.53 8.48
CA PRO D 74 27.74 -23.68 9.37
C PRO D 74 26.26 -24.16 9.32
N PRO D 75 26.04 -25.49 9.27
CA PRO D 75 24.64 -25.96 9.20
C PRO D 75 23.82 -25.47 10.41
N ALA D 76 22.61 -25.00 10.13
CA ALA D 76 21.70 -24.48 11.18
C ALA D 76 20.26 -24.61 10.64
N PRO D 77 19.27 -24.49 11.52
CA PRO D 77 17.90 -24.56 10.96
C PRO D 77 17.65 -23.46 9.94
N ARG D 78 16.74 -23.72 9.00
CA ARG D 78 16.45 -22.72 7.98
C ARG D 78 16.00 -21.41 8.63
N GLY D 79 16.40 -20.33 7.99
CA GLY D 79 16.10 -18.99 8.48
C GLY D 79 16.92 -18.50 9.65
N VAL D 80 17.84 -19.33 10.18
CA VAL D 80 18.68 -18.91 11.29
C VAL D 80 19.91 -18.05 10.91
N PRO D 81 20.73 -18.49 9.90
CA PRO D 81 21.86 -17.65 9.48
C PRO D 81 21.39 -16.26 9.00
N GLN D 82 22.16 -15.23 9.27
CA GLN D 82 21.84 -13.89 8.82
C GLN D 82 22.93 -13.46 7.85
N VAL D 83 22.56 -13.37 6.57
CA VAL D 83 23.52 -13.02 5.53
C VAL D 83 23.20 -11.58 5.13
N GLU D 84 24.11 -10.66 5.45
CA GLU D 84 23.92 -9.25 5.08
C GLU D 84 24.45 -8.98 3.65
N VAL D 85 23.55 -8.55 2.77
CA VAL D 85 23.93 -8.22 1.39
C VAL D 85 23.93 -6.71 1.27
N THR D 86 25.05 -6.18 0.80
CA THR D 86 25.26 -4.74 0.68
C THR D 86 25.48 -4.37 -0.80
N PHE D 87 24.74 -3.37 -1.31
CA PHE D 87 25.01 -2.81 -2.60
C PHE D 87 25.58 -1.40 -2.39
N ASP D 88 26.72 -1.15 -3.02
CA ASP D 88 27.22 0.20 -2.99
CA ASP D 88 27.42 0.16 -2.98
C ASP D 88 27.45 0.69 -4.41
N ILE D 89 26.86 1.85 -4.72
CA ILE D 89 26.91 2.42 -6.07
C ILE D 89 27.67 3.76 -6.00
N ASP D 90 28.65 3.92 -6.89
CA ASP D 90 29.38 5.18 -6.97
C ASP D 90 28.72 6.21 -7.88
N ALA D 91 29.35 7.37 -8.07
CA ALA D 91 28.74 8.49 -8.81
C ALA D 91 28.62 8.17 -10.30
N ASN D 92 29.31 7.11 -10.71
CA ASN D 92 29.34 6.68 -12.11
C ASN D 92 28.55 5.41 -12.38
N GLY D 93 27.75 4.97 -11.42
CA GLY D 93 26.95 3.78 -11.58
C GLY D 93 27.67 2.47 -11.38
N ILE D 94 28.95 2.50 -10.97
CA ILE D 94 29.67 1.28 -10.66
C ILE D 94 29.14 0.69 -9.36
N VAL D 95 28.78 -0.61 -9.39
CA VAL D 95 28.17 -1.25 -8.27
C VAL D 95 29.10 -2.26 -7.61
N ASN D 96 29.32 -2.11 -6.32
CA ASN D 96 29.95 -3.19 -5.55
CA ASN D 96 29.96 -3.17 -5.55
C ASN D 96 28.87 -3.94 -4.79
N VAL D 97 28.86 -5.27 -4.96
CA VAL D 97 27.93 -6.11 -4.19
C VAL D 97 28.68 -7.05 -3.30
N SER D 98 28.40 -7.06 -1.99
CA SER D 98 29.08 -7.98 -1.07
CA SER D 98 29.08 -7.98 -1.06
C SER D 98 28.05 -8.74 -0.25
N ALA D 99 28.39 -9.96 0.22
CA ALA D 99 27.50 -10.68 1.11
C ALA D 99 28.39 -11.14 2.23
N ARG D 100 27.90 -11.04 3.47
CA ARG D 100 28.67 -11.43 4.66
CA ARG D 100 28.67 -11.40 4.68
C ARG D 100 27.79 -12.18 5.64
N ASP D 101 28.27 -13.33 6.08
CA ASP D 101 27.57 -14.13 7.05
C ASP D 101 27.87 -13.51 8.41
N ARG D 102 26.83 -13.02 9.09
CA ARG D 102 27.04 -12.34 10.40
C ARG D 102 27.62 -13.24 11.47
N GLY D 103 27.24 -14.51 11.49
CA GLY D 103 27.78 -15.38 12.52
C GLY D 103 29.24 -15.73 12.44
N THR D 104 29.78 -15.78 11.22
CA THR D 104 31.20 -16.16 10.98
C THR D 104 32.08 -15.01 10.46
N GLY D 105 31.45 -13.97 9.89
CA GLY D 105 32.17 -12.94 9.16
C GLY D 105 32.64 -13.34 7.76
N LYS D 106 32.35 -14.57 7.31
CA LYS D 106 32.74 -15.03 5.94
C LYS D 106 32.05 -14.13 4.95
N GLU D 107 32.81 -13.63 3.98
CA GLU D 107 32.20 -12.73 2.99
C GLU D 107 32.88 -12.86 1.62
N GLN D 108 32.20 -12.37 0.56
CA GLN D 108 32.78 -12.29 -0.76
C GLN D 108 32.14 -11.09 -1.39
N GLN D 109 32.73 -10.64 -2.47
CA GLN D 109 32.14 -9.50 -3.20
C GLN D 109 32.41 -9.56 -4.70
N ILE D 110 31.58 -8.89 -5.47
CA ILE D 110 31.87 -8.68 -6.89
C ILE D 110 31.73 -7.20 -7.25
N VAL D 111 32.37 -6.76 -8.33
CA VAL D 111 32.26 -5.34 -8.75
C VAL D 111 31.69 -5.41 -10.14
N ILE D 112 30.62 -4.65 -10.38
CA ILE D 112 29.80 -4.72 -11.57
C ILE D 112 29.63 -3.34 -12.21
N GLN D 113 29.38 -3.29 -13.52
CA GLN D 113 28.92 -2.05 -14.14
CA GLN D 113 28.94 -2.07 -14.18
C GLN D 113 27.41 -1.94 -14.26
N SER D 114 26.90 -0.79 -13.82
CA SER D 114 25.56 -0.25 -14.10
C SER D 114 24.55 -0.34 -12.97
N GLY D 117 22.28 -0.56 -21.28
CA GLY D 117 20.88 -0.11 -21.40
C GLY D 117 20.18 -0.23 -20.05
N LEU D 118 18.84 -0.24 -20.04
CA LEU D 118 17.96 -0.01 -21.19
C LEU D 118 17.91 1.44 -21.68
N SER D 119 17.08 1.69 -22.69
CA SER D 119 16.79 3.05 -23.17
C SER D 119 15.68 3.70 -22.32
N LYS D 120 15.48 5.00 -22.50
CA LYS D 120 14.44 5.73 -21.76
CA LYS D 120 14.44 5.74 -21.77
C LYS D 120 13.07 5.08 -21.96
N ASP D 121 12.71 4.87 -23.22
CA ASP D 121 11.45 4.24 -23.60
CA ASP D 121 11.44 4.25 -23.56
C ASP D 121 11.33 2.82 -23.06
N GLN D 122 12.43 2.06 -23.16
CA GLN D 122 12.43 0.72 -22.62
C GLN D 122 12.21 0.77 -21.10
N ILE D 123 12.80 1.79 -20.46
CA ILE D 123 12.63 1.95 -19.01
C ILE D 123 11.16 2.26 -18.71
N GLU D 124 10.60 3.28 -19.37
CA GLU D 124 9.17 3.62 -19.22
C GLU D 124 8.25 2.42 -19.38
N ASN D 125 8.46 1.65 -20.44
CA ASN D 125 7.65 0.46 -20.70
C ASN D 125 7.76 -0.65 -19.66
N MET D 126 8.97 -0.87 -19.13
CA MET D 126 9.13 -1.92 -18.12
C MET D 126 8.40 -1.52 -16.83
N ILE D 127 8.52 -0.23 -16.48
CA ILE D 127 7.74 0.33 -15.36
C ILE D 127 6.22 0.12 -15.59
N LYS D 128 5.69 0.46 -16.77
CA LYS D 128 4.27 0.20 -17.08
C LYS D 128 3.91 -1.28 -16.92
N GLU D 129 4.75 -2.16 -17.47
CA GLU D 129 4.51 -3.60 -17.37
C GLU D 129 4.45 -4.07 -15.92
N ALA D 130 5.41 -3.62 -15.12
CA ALA D 130 5.48 -3.96 -13.71
C ALA D 130 4.22 -3.50 -12.98
N GLU D 131 3.78 -2.28 -13.28
CA GLU D 131 2.60 -1.73 -12.60
C GLU D 131 1.32 -2.49 -12.96
N LYS D 132 1.19 -2.83 -14.24
CA LYS D 132 0.10 -3.68 -14.72
C LYS D 132 0.10 -5.02 -13.96
N ASN D 133 1.27 -5.64 -13.85
CA ASN D 133 1.42 -6.88 -13.07
CA ASN D 133 1.42 -6.89 -13.10
C ASN D 133 1.02 -6.70 -11.63
N ALA D 134 1.37 -5.53 -11.06
CA ALA D 134 1.12 -5.24 -9.65
C ALA D 134 -0.37 -4.93 -9.36
N ALA D 135 -1.17 -4.76 -10.42
CA ALA D 135 -2.61 -4.41 -10.29
C ALA D 135 -3.41 -5.56 -9.64
N GLU D 136 -2.79 -6.74 -9.53
CA GLU D 136 -3.47 -7.88 -8.88
C GLU D 136 -2.94 -8.11 -7.44
N ASP D 137 -2.02 -7.27 -6.98
CA ASP D 137 -1.37 -7.48 -5.66
C ASP D 137 -2.33 -7.58 -4.47
N ALA D 138 -3.31 -6.69 -4.44
CA ALA D 138 -4.28 -6.65 -3.31
C ALA D 138 -4.96 -8.01 -3.15
N LYS D 139 -5.06 -8.79 -4.23
CA LYS D 139 -5.83 -10.03 -4.21
C LYS D 139 -4.95 -11.22 -3.82
N ARG D 140 -3.67 -10.97 -3.59
CA ARG D 140 -2.77 -12.06 -3.25
CA ARG D 140 -2.75 -12.05 -3.23
C ARG D 140 -3.10 -12.63 -1.86
N LYS D 141 -2.65 -13.84 -1.60
CA LYS D 141 -3.13 -14.58 -0.43
C LYS D 141 -2.05 -15.12 0.49
N GLU D 142 -0.76 -14.96 0.13
CA GLU D 142 0.32 -15.68 0.79
CA GLU D 142 0.34 -15.67 0.81
C GLU D 142 0.69 -15.02 2.13
N LEU D 143 1.23 -15.84 3.03
CA LEU D 143 1.77 -15.43 4.31
CA LEU D 143 1.77 -15.36 4.28
C LEU D 143 3.29 -15.48 4.29
N VAL D 144 3.93 -14.52 4.96
CA VAL D 144 5.37 -14.55 5.20
C VAL D 144 5.65 -14.82 6.67
N GLU D 145 6.68 -15.62 6.94
CA GLU D 145 7.24 -15.65 8.30
C GLU D 145 7.83 -14.27 8.64
N VAL D 146 7.76 -13.92 9.91
CA VAL D 146 8.39 -12.69 10.37
C VAL D 146 9.17 -12.93 11.66
N ILE D 147 10.08 -12.02 11.95
CA ILE D 147 10.68 -11.94 13.25
C ILE D 147 10.35 -10.57 13.86
N ASN D 148 10.66 -10.42 15.13
CA ASN D 148 10.53 -9.14 15.76
C ASN D 148 11.64 -9.05 16.80
N GLN D 149 12.76 -8.46 16.40
CA GLN D 149 13.96 -8.44 17.24
C GLN D 149 15.03 -7.52 16.67
#